data_2H52
#
_entry.id   2H52
#
_cell.length_a   48.810
_cell.length_b   71.250
_cell.length_c   160.080
_cell.angle_alpha   90.00
_cell.angle_beta   90.00
_cell.angle_gamma   90.00
#
_symmetry.space_group_name_H-M   'P 21 21 21'
#
loop_
_entity.id
_entity.type
_entity.pdbx_description
1 polymer 'Bisphosphoglycerate mutase'
2 non-polymer '3-PHOSPHOGLYCERIC ACID'
3 non-polymer 'CYCLOHEXYLAMMONIUM ION'
4 water water
#
_entity_poly.entity_id   1
_entity_poly.type   'polypeptide(L)'
_entity_poly.pdbx_seq_one_letter_code
;MSKYKLIMLRHGEGAWNKENRFCSWVDQKLNSEGMEEARNCGKQLKALNFEFDLVFTSVLNRSIHTAWLILEELGQEWVP
VESSWRLNERHYGALIGLNREQMALNHGEEQVRLWRRSYNVTPPPIEESHPYYQEIYNDRRYKVCDVPLDQLPRSESLKD
VLERLLPYWNERIAPEVLRGKTILISAHGNSSRALLKHLEGISDEDIINITLPTGVPILLELDENLRAVGPHQFLGDQEA
IQAAIKKVEDQGKVKQAKKLEHHHHHH
;
_entity_poly.pdbx_strand_id   A,B
#
loop_
_chem_comp.id
_chem_comp.type
_chem_comp.name
_chem_comp.formula
3PG non-polymer '3-PHOSPHOGLYCERIC ACID' 'C3 H7 O7 P'
HAI non-polymer 'CYCLOHEXYLAMMONIUM ION' 'C6 H14 N 1'
#
# COMPACT_ATOMS: atom_id res chain seq x y z
N SER A 2 -7.82 12.58 26.53
CA SER A 2 -9.11 12.28 27.20
C SER A 2 -9.93 11.27 26.40
N LYS A 3 -10.36 11.68 25.21
CA LYS A 3 -11.14 10.80 24.34
C LYS A 3 -10.44 10.68 22.98
N TYR A 4 -10.64 9.53 22.34
CA TYR A 4 -9.99 9.29 21.05
C TYR A 4 -10.98 8.74 20.04
N LYS A 5 -10.82 9.14 18.79
CA LYS A 5 -11.71 8.65 17.73
C LYS A 5 -10.91 7.94 16.66
N LEU A 6 -11.48 6.86 16.14
CA LEU A 6 -10.82 6.13 15.08
C LEU A 6 -11.87 5.74 14.05
N ILE A 7 -11.41 5.27 12.91
CA ILE A 7 -12.28 4.86 11.82
C ILE A 7 -12.03 3.41 11.45
N MET A 8 -13.10 2.64 11.30
CA MET A 8 -12.98 1.26 10.86
C MET A 8 -14.10 1.04 9.85
N LEU A 9 -13.92 0.06 8.98
CA LEU A 9 -14.93 -0.23 7.98
C LEU A 9 -14.65 -1.55 7.30
N ARG A 10 -15.66 -2.06 6.60
CA ARG A 10 -15.50 -3.29 5.85
C ARG A 10 -15.59 -2.84 4.39
N HIS A 11 -14.78 -3.48 3.56
CA HIS A 11 -14.70 -3.19 2.14
C HIS A 11 -16.04 -3.43 1.44
N GLY A 12 -16.11 -2.97 0.19
CA GLY A 12 -17.32 -3.14 -0.59
C GLY A 12 -17.48 -4.59 -1.01
N GLU A 13 -18.68 -4.97 -1.40
CA GLU A 13 -18.97 -6.36 -1.78
C GLU A 13 -18.35 -6.78 -3.11
N GLY A 14 -17.78 -7.99 -3.13
CA GLY A 14 -17.17 -8.52 -4.33
C GLY A 14 -18.14 -9.42 -5.08
N ALA A 15 -17.65 -10.15 -6.07
CA ALA A 15 -18.49 -11.05 -6.86
C ALA A 15 -19.27 -12.08 -6.04
N TRP A 16 -18.58 -12.78 -5.14
CA TRP A 16 -19.24 -13.80 -4.33
C TRP A 16 -20.38 -13.31 -3.46
N ASN A 17 -20.11 -12.37 -2.56
CA ASN A 17 -21.16 -11.88 -1.69
C ASN A 17 -22.34 -11.33 -2.50
N LYS A 18 -22.08 -10.90 -3.72
CA LYS A 18 -23.16 -10.39 -4.55
C LYS A 18 -24.09 -11.56 -4.91
N GLU A 19 -23.50 -12.73 -5.17
CA GLU A 19 -24.29 -13.91 -5.49
C GLU A 19 -24.59 -14.71 -4.22
N ASN A 20 -24.41 -14.04 -3.08
CA ASN A 20 -24.69 -14.60 -1.76
C ASN A 20 -23.93 -15.85 -1.32
N ARG A 21 -22.61 -15.83 -1.49
CA ARG A 21 -21.76 -16.95 -1.07
C ARG A 21 -20.73 -16.52 -0.03
N PHE A 22 -20.52 -17.38 0.97
CA PHE A 22 -19.53 -17.10 2.01
C PHE A 22 -18.17 -17.01 1.33
N CYS A 23 -17.45 -15.92 1.56
CA CYS A 23 -16.13 -15.73 0.95
C CYS A 23 -15.02 -15.98 1.98
N SER A 24 -15.12 -15.33 3.12
CA SER A 24 -14.16 -15.53 4.20
C SER A 24 -12.69 -15.40 3.78
N TRP A 25 -11.89 -16.44 4.03
CA TRP A 25 -10.45 -16.40 3.69
C TRP A 25 -10.09 -16.55 2.22
N VAL A 26 -11.07 -16.79 1.35
CA VAL A 26 -10.78 -16.89 -0.07
C VAL A 26 -10.39 -15.46 -0.46
N ASP A 27 -9.18 -15.31 -0.99
CA ASP A 27 -8.64 -14.01 -1.36
C ASP A 27 -9.24 -13.34 -2.60
N GLN A 28 -10.56 -13.21 -2.64
CA GLN A 28 -11.23 -12.59 -3.79
C GLN A 28 -10.99 -11.09 -3.85
N LYS A 29 -10.77 -10.57 -5.07
CA LYS A 29 -10.52 -9.15 -5.25
C LYS A 29 -11.82 -8.36 -5.28
N LEU A 30 -11.71 -7.04 -5.12
CA LEU A 30 -12.88 -6.16 -5.17
C LEU A 30 -13.35 -6.13 -6.61
N ASN A 31 -14.63 -5.82 -6.83
CA ASN A 31 -15.11 -5.68 -8.20
C ASN A 31 -15.22 -4.17 -8.43
N SER A 32 -15.68 -3.77 -9.62
CA SER A 32 -15.81 -2.35 -9.93
C SER A 32 -16.59 -1.61 -8.85
N GLU A 33 -17.72 -2.17 -8.45
CA GLU A 33 -18.57 -1.56 -7.43
C GLU A 33 -17.83 -1.40 -6.10
N GLY A 34 -17.11 -2.43 -5.69
CA GLY A 34 -16.37 -2.38 -4.44
C GLY A 34 -15.29 -1.32 -4.47
N MET A 35 -14.68 -1.12 -5.64
CA MET A 35 -13.63 -0.11 -5.76
C MET A 35 -14.24 1.27 -5.59
N GLU A 36 -15.38 1.50 -6.23
CA GLU A 36 -16.07 2.76 -6.15
C GLU A 36 -16.49 3.04 -4.71
N GLU A 37 -16.91 2.00 -4.00
CA GLU A 37 -17.31 2.15 -2.62
C GLU A 37 -16.15 2.65 -1.77
N ALA A 38 -14.96 2.13 -2.03
CA ALA A 38 -13.77 2.54 -1.30
C ALA A 38 -13.50 4.01 -1.60
N ARG A 39 -13.57 4.39 -2.86
CA ARG A 39 -13.33 5.78 -3.23
C ARG A 39 -14.35 6.70 -2.54
N ASN A 40 -15.59 6.25 -2.43
CA ASN A 40 -16.61 7.06 -1.78
C ASN A 40 -16.29 7.26 -0.30
N CYS A 41 -15.78 6.23 0.35
CA CYS A 41 -15.40 6.35 1.76
C CYS A 41 -14.26 7.38 1.88
N GLY A 42 -13.33 7.32 0.92
CA GLY A 42 -12.22 8.26 0.93
C GLY A 42 -12.69 9.70 0.79
N LYS A 43 -13.69 9.92 -0.05
CA LYS A 43 -14.23 11.26 -0.27
C LYS A 43 -14.95 11.77 0.98
N GLN A 44 -15.59 10.86 1.72
CA GLN A 44 -16.27 11.23 2.94
C GLN A 44 -15.25 11.66 3.98
N LEU A 45 -14.20 10.85 4.13
CA LEU A 45 -13.16 11.14 5.09
C LEU A 45 -12.40 12.41 4.71
N LYS A 46 -12.29 12.68 3.41
CA LYS A 46 -11.60 13.88 2.98
C LYS A 46 -12.45 15.09 3.38
N ALA A 47 -13.76 14.95 3.22
CA ALA A 47 -14.70 16.03 3.57
C ALA A 47 -14.55 16.39 5.05
N LEU A 48 -14.33 15.37 5.88
CA LEU A 48 -14.16 15.55 7.31
C LEU A 48 -12.73 15.98 7.63
N ASN A 49 -11.92 16.12 6.59
CA ASN A 49 -10.52 16.51 6.71
C ASN A 49 -9.69 15.56 7.58
N PHE A 50 -9.92 14.26 7.41
CA PHE A 50 -9.15 13.30 8.18
C PHE A 50 -7.70 13.31 7.72
N GLU A 51 -6.80 13.19 8.68
CA GLU A 51 -5.37 13.14 8.40
C GLU A 51 -4.85 11.93 9.14
N PHE A 52 -4.86 10.78 8.48
CA PHE A 52 -4.41 9.55 9.10
C PHE A 52 -2.92 9.51 9.34
N ASP A 53 -2.54 8.78 10.39
CA ASP A 53 -1.15 8.62 10.79
C ASP A 53 -0.72 7.17 10.54
N LEU A 54 -1.68 6.25 10.60
CA LEU A 54 -1.39 4.83 10.38
C LEU A 54 -2.65 4.12 9.92
N VAL A 55 -2.46 3.11 9.08
CA VAL A 55 -3.56 2.30 8.54
C VAL A 55 -3.27 0.82 8.82
N PHE A 56 -4.28 0.11 9.33
CA PHE A 56 -4.13 -1.32 9.60
C PHE A 56 -5.13 -2.09 8.74
N THR A 57 -4.69 -3.19 8.13
CA THR A 57 -5.55 -4.00 7.28
C THR A 57 -5.30 -5.49 7.54
N SER A 58 -6.05 -6.36 6.87
CA SER A 58 -5.83 -7.79 7.00
C SER A 58 -4.88 -8.14 5.86
N VAL A 59 -4.59 -9.42 5.64
CA VAL A 59 -3.71 -9.78 4.53
C VAL A 59 -4.53 -10.23 3.32
N LEU A 60 -5.85 -10.07 3.40
CA LEU A 60 -6.74 -10.40 2.29
C LEU A 60 -6.64 -9.15 1.40
N ASN A 61 -6.29 -9.34 0.13
CA ASN A 61 -6.09 -8.19 -0.74
C ASN A 61 -7.23 -7.20 -0.87
N ARG A 62 -8.47 -7.64 -0.65
CA ARG A 62 -9.59 -6.71 -0.77
C ARG A 62 -9.57 -5.62 0.30
N SER A 63 -9.04 -5.92 1.48
CA SER A 63 -8.97 -4.92 2.55
C SER A 63 -7.79 -3.99 2.30
N ILE A 64 -6.73 -4.53 1.72
CA ILE A 64 -5.53 -3.74 1.41
C ILE A 64 -5.85 -2.75 0.29
N HIS A 65 -6.49 -3.24 -0.77
CA HIS A 65 -6.86 -2.39 -1.90
C HIS A 65 -7.83 -1.30 -1.46
N THR A 66 -8.76 -1.64 -0.57
CA THR A 66 -9.72 -0.65 -0.07
C THR A 66 -8.95 0.48 0.59
N ALA A 67 -7.97 0.13 1.43
CA ALA A 67 -7.16 1.12 2.12
C ALA A 67 -6.37 1.97 1.13
N TRP A 68 -5.81 1.33 0.10
CA TRP A 68 -5.03 2.06 -0.90
C TRP A 68 -5.88 3.08 -1.65
N LEU A 69 -7.13 2.73 -1.94
CA LEU A 69 -8.01 3.63 -2.65
C LEU A 69 -8.44 4.80 -1.79
N ILE A 70 -8.63 4.54 -0.50
CA ILE A 70 -9.00 5.59 0.43
C ILE A 70 -7.84 6.59 0.55
N LEU A 71 -6.63 6.08 0.74
CA LEU A 71 -5.46 6.92 0.85
C LEU A 71 -5.25 7.75 -0.43
N GLU A 72 -5.51 7.15 -1.59
CA GLU A 72 -5.34 7.90 -2.84
C GLU A 72 -6.32 9.07 -2.88
N GLU A 73 -7.55 8.80 -2.47
CA GLU A 73 -8.60 9.81 -2.44
C GLU A 73 -8.23 10.95 -1.50
N LEU A 74 -7.48 10.60 -0.44
CA LEU A 74 -7.06 11.57 0.56
C LEU A 74 -5.71 12.20 0.23
N GLY A 75 -5.02 11.67 -0.78
CA GLY A 75 -3.71 12.20 -1.10
C GLY A 75 -2.75 11.87 0.02
N GLN A 76 -3.01 10.73 0.68
CA GLN A 76 -2.18 10.29 1.81
C GLN A 76 -1.53 8.92 1.60
N GLU A 77 -1.18 8.62 0.36
CA GLU A 77 -0.56 7.34 0.02
C GLU A 77 0.72 7.07 0.80
N TRP A 78 1.33 8.13 1.32
CA TRP A 78 2.57 8.00 2.08
C TRP A 78 2.39 7.51 3.53
N VAL A 79 1.15 7.53 4.01
CA VAL A 79 0.84 7.09 5.36
C VAL A 79 1.14 5.60 5.53
N PRO A 80 1.89 5.23 6.58
CA PRO A 80 2.24 3.82 6.83
C PRO A 80 1.06 2.86 6.92
N VAL A 81 1.17 1.72 6.25
CA VAL A 81 0.15 0.70 6.27
C VAL A 81 0.74 -0.58 6.87
N GLU A 82 -0.01 -1.28 7.70
CA GLU A 82 0.46 -2.55 8.27
C GLU A 82 -0.66 -3.57 8.07
N SER A 83 -0.30 -4.74 7.57
CA SER A 83 -1.29 -5.79 7.30
C SER A 83 -1.03 -7.04 8.15
N SER A 84 -2.10 -7.63 8.68
CA SER A 84 -1.96 -8.80 9.54
C SER A 84 -3.10 -9.80 9.36
N TRP A 85 -2.79 -11.09 9.41
CA TRP A 85 -3.83 -12.10 9.28
C TRP A 85 -4.78 -11.99 10.47
N ARG A 86 -4.32 -11.36 11.54
CA ARG A 86 -5.16 -11.23 12.73
C ARG A 86 -6.38 -10.34 12.53
N LEU A 87 -6.40 -9.63 11.41
CA LEU A 87 -7.53 -8.76 11.07
C LEU A 87 -8.34 -9.43 9.95
N ASN A 88 -7.93 -10.63 9.55
CA ASN A 88 -8.64 -11.38 8.51
C ASN A 88 -10.09 -11.60 8.88
N GLU A 89 -10.94 -11.76 7.87
CA GLU A 89 -12.35 -12.02 8.09
C GLU A 89 -12.47 -13.36 8.82
N ARG A 90 -13.57 -13.57 9.52
CA ARG A 90 -13.74 -14.85 10.24
C ARG A 90 -13.66 -16.01 9.27
N HIS A 91 -12.98 -17.07 9.68
CA HIS A 91 -12.83 -18.26 8.85
C HIS A 91 -14.10 -19.10 8.90
N TYR A 92 -14.83 -19.16 7.80
CA TYR A 92 -16.07 -19.92 7.73
C TYR A 92 -15.93 -21.43 7.49
N GLY A 93 -14.70 -21.94 7.56
CA GLY A 93 -14.49 -23.37 7.35
C GLY A 93 -15.16 -23.96 6.13
N ALA A 94 -15.79 -25.12 6.29
CA ALA A 94 -16.45 -25.80 5.20
C ALA A 94 -17.56 -24.99 4.53
N LEU A 95 -18.08 -23.99 5.23
CA LEU A 95 -19.15 -23.15 4.66
C LEU A 95 -18.64 -22.22 3.57
N ILE A 96 -17.33 -22.06 3.48
CA ILE A 96 -16.73 -21.20 2.47
C ILE A 96 -17.16 -21.65 1.09
N GLY A 97 -17.62 -20.69 0.28
CA GLY A 97 -18.04 -20.98 -1.07
C GLY A 97 -19.50 -21.38 -1.20
N LEU A 98 -20.14 -21.74 -0.08
CA LEU A 98 -21.54 -22.15 -0.12
C LEU A 98 -22.48 -20.95 -0.12
N ASN A 99 -23.66 -21.15 -0.71
CA ASN A 99 -24.68 -20.10 -0.80
C ASN A 99 -25.49 -19.99 0.50
N ARG A 100 -25.53 -18.80 1.08
CA ARG A 100 -26.24 -18.57 2.32
C ARG A 100 -27.73 -18.92 2.29
N GLU A 101 -28.42 -18.57 1.20
CA GLU A 101 -29.83 -18.87 1.10
C GLU A 101 -30.06 -20.38 0.98
N GLN A 102 -29.12 -21.05 0.32
CA GLN A 102 -29.20 -22.49 0.15
C GLN A 102 -29.07 -23.14 1.52
N MET A 103 -28.20 -22.58 2.35
CA MET A 103 -27.98 -23.13 3.69
C MET A 103 -29.24 -22.93 4.54
N ALA A 104 -29.95 -21.84 4.30
CA ALA A 104 -31.18 -21.53 5.02
C ALA A 104 -32.25 -22.55 4.61
N LEU A 105 -32.25 -22.92 3.33
CA LEU A 105 -33.21 -23.90 2.84
C LEU A 105 -32.87 -25.30 3.36
N ASN A 106 -31.58 -25.59 3.44
CA ASN A 106 -31.12 -26.90 3.89
C ASN A 106 -31.11 -27.09 5.41
N HIS A 107 -30.74 -26.05 6.16
CA HIS A 107 -30.64 -26.16 7.60
C HIS A 107 -31.59 -25.27 8.41
N GLY A 108 -32.33 -24.41 7.72
CA GLY A 108 -33.24 -23.53 8.41
C GLY A 108 -32.62 -22.18 8.70
N GLU A 109 -33.46 -21.15 8.75
CA GLU A 109 -32.98 -19.80 9.03
C GLU A 109 -32.35 -19.63 10.41
N GLU A 110 -32.91 -20.33 11.41
CA GLU A 110 -32.40 -20.24 12.76
C GLU A 110 -30.93 -20.67 12.85
N GLN A 111 -30.63 -21.83 12.26
CA GLN A 111 -29.27 -22.35 12.27
C GLN A 111 -28.30 -21.45 11.52
N VAL A 112 -28.77 -20.87 10.41
CA VAL A 112 -27.93 -19.99 9.61
C VAL A 112 -27.60 -18.72 10.39
N ARG A 113 -28.57 -18.22 11.13
CA ARG A 113 -28.35 -17.01 11.93
C ARG A 113 -27.30 -17.31 12.99
N LEU A 114 -27.35 -18.52 13.57
CA LEU A 114 -26.36 -18.89 14.57
C LEU A 114 -24.97 -18.95 13.94
N TRP A 115 -24.84 -19.66 12.82
CA TRP A 115 -23.56 -19.77 12.15
C TRP A 115 -22.98 -18.39 11.82
N ARG A 116 -23.83 -17.53 11.27
CA ARG A 116 -23.41 -16.19 10.87
C ARG A 116 -23.15 -15.16 11.97
N ARG A 117 -24.06 -15.07 12.93
CA ARG A 117 -23.95 -14.04 13.96
C ARG A 117 -23.73 -14.43 15.42
N SER A 118 -23.80 -15.72 15.75
CA SER A 118 -23.60 -16.12 17.14
C SER A 118 -22.16 -15.88 17.56
N TYR A 119 -21.92 -15.90 18.87
CA TYR A 119 -20.58 -15.68 19.38
C TYR A 119 -19.79 -16.99 19.50
N ASN A 120 -20.43 -18.02 20.03
CA ASN A 120 -19.76 -19.30 20.27
C ASN A 120 -19.88 -20.42 19.24
N VAL A 121 -20.86 -20.37 18.34
CA VAL A 121 -21.01 -21.45 17.35
C VAL A 121 -19.85 -21.47 16.35
N THR A 122 -19.24 -22.65 16.19
CA THR A 122 -18.10 -22.81 15.31
C THR A 122 -18.50 -23.51 14.01
N PRO A 123 -18.09 -22.95 12.86
CA PRO A 123 -18.43 -23.57 11.58
C PRO A 123 -17.66 -24.87 11.44
N PRO A 124 -18.19 -25.85 10.69
CA PRO A 124 -17.43 -27.10 10.55
C PRO A 124 -16.10 -26.69 9.92
N PRO A 125 -15.01 -27.36 10.29
CA PRO A 125 -13.68 -27.05 9.73
C PRO A 125 -13.55 -27.33 8.24
N ILE A 126 -12.77 -26.50 7.55
CA ILE A 126 -12.55 -26.70 6.13
C ILE A 126 -11.56 -27.85 6.00
N GLU A 127 -11.83 -28.78 5.10
CA GLU A 127 -10.95 -29.92 4.91
C GLU A 127 -10.16 -29.84 3.62
N GLU A 128 -9.07 -30.60 3.54
CA GLU A 128 -8.20 -30.60 2.37
C GLU A 128 -8.93 -30.91 1.07
N SER A 129 -10.07 -31.59 1.17
CA SER A 129 -10.86 -31.95 0.00
C SER A 129 -11.71 -30.77 -0.49
N HIS A 130 -11.88 -29.77 0.37
CA HIS A 130 -12.69 -28.61 0.04
C HIS A 130 -12.13 -27.87 -1.18
N PRO A 131 -13.03 -27.47 -2.11
CA PRO A 131 -12.67 -26.77 -3.34
C PRO A 131 -11.73 -25.58 -3.19
N TYR A 132 -11.77 -24.90 -2.05
CA TYR A 132 -10.90 -23.73 -1.85
C TYR A 132 -9.84 -23.86 -0.77
N TYR A 133 -9.57 -25.09 -0.33
CA TYR A 133 -8.57 -25.30 0.70
C TYR A 133 -7.17 -24.98 0.21
N GLN A 134 -6.82 -25.50 -0.96
CA GLN A 134 -5.49 -25.32 -1.52
C GLN A 134 -5.07 -23.87 -1.78
N GLU A 135 -5.89 -23.12 -2.49
CA GLU A 135 -5.53 -21.74 -2.79
C GLU A 135 -5.41 -20.87 -1.55
N ILE A 136 -6.00 -21.32 -0.44
CA ILE A 136 -5.91 -20.57 0.81
C ILE A 136 -4.62 -20.85 1.55
N TYR A 137 -4.39 -22.10 1.89
CA TYR A 137 -3.21 -22.47 2.66
C TYR A 137 -1.89 -22.64 1.91
N ASN A 138 -1.90 -22.47 0.60
CA ASN A 138 -0.66 -22.60 -0.16
C ASN A 138 -0.02 -21.25 -0.41
N ASP A 139 -0.71 -20.18 -0.02
CA ASP A 139 -0.20 -18.83 -0.22
C ASP A 139 0.91 -18.49 0.77
N ARG A 140 2.00 -17.94 0.24
CA ARG A 140 3.15 -17.55 1.04
C ARG A 140 2.84 -16.62 2.21
N ARG A 141 1.79 -15.81 2.09
CA ARG A 141 1.44 -14.88 3.17
C ARG A 141 1.16 -15.62 4.49
N TYR A 142 0.73 -16.87 4.39
CA TYR A 142 0.43 -17.66 5.60
C TYR A 142 1.61 -18.52 6.02
N LYS A 143 2.75 -18.34 5.36
CA LYS A 143 3.96 -19.08 5.69
C LYS A 143 4.88 -18.19 6.51
N VAL A 144 4.56 -16.90 6.55
CA VAL A 144 5.36 -15.94 7.31
C VAL A 144 4.57 -15.19 8.38
N CYS A 145 3.49 -15.81 8.85
CA CYS A 145 2.66 -15.21 9.91
C CYS A 145 3.34 -15.46 11.24
N ASP A 146 2.82 -14.87 12.31
CA ASP A 146 3.40 -15.06 13.64
C ASP A 146 3.01 -16.40 14.24
N VAL A 147 2.26 -17.19 13.47
CA VAL A 147 1.85 -18.52 13.90
C VAL A 147 2.07 -19.44 12.71
N PRO A 148 2.59 -20.66 12.95
CA PRO A 148 2.86 -21.65 11.90
C PRO A 148 1.64 -21.93 11.01
N LEU A 149 1.90 -22.22 9.74
CA LEU A 149 0.83 -22.51 8.78
C LEU A 149 -0.10 -23.61 9.28
N ASP A 150 0.47 -24.66 9.87
CA ASP A 150 -0.34 -25.78 10.37
C ASP A 150 -1.10 -25.39 11.63
N GLN A 151 -0.79 -24.21 12.18
CA GLN A 151 -1.43 -23.71 13.38
C GLN A 151 -2.60 -22.77 13.09
N LEU A 152 -2.66 -22.24 11.87
CA LEU A 152 -3.72 -21.33 11.50
C LEU A 152 -5.07 -22.05 11.59
N PRO A 153 -6.15 -21.31 11.89
CA PRO A 153 -7.48 -21.90 12.00
C PRO A 153 -8.01 -22.50 10.71
N ARG A 154 -8.88 -23.48 10.85
CA ARG A 154 -9.53 -24.15 9.73
C ARG A 154 -11.03 -23.79 9.78
N SER A 155 -11.39 -23.00 10.80
CA SER A 155 -12.73 -22.48 11.01
C SER A 155 -12.69 -21.68 12.32
N GLU A 156 -13.59 -20.71 12.46
CA GLU A 156 -13.61 -19.87 13.66
C GLU A 156 -15.01 -19.40 14.04
N SER A 157 -15.27 -19.38 15.33
CA SER A 157 -16.53 -18.87 15.86
C SER A 157 -16.15 -17.40 16.04
N LEU A 158 -17.10 -16.53 16.33
CA LEU A 158 -16.76 -15.13 16.52
C LEU A 158 -15.82 -15.00 17.71
N LYS A 159 -16.00 -15.88 18.70
CA LYS A 159 -15.17 -15.87 19.89
C LYS A 159 -13.72 -16.18 19.51
N ASP A 160 -13.54 -17.16 18.62
CA ASP A 160 -12.20 -17.51 18.16
C ASP A 160 -11.55 -16.30 17.49
N VAL A 161 -12.34 -15.59 16.68
CA VAL A 161 -11.83 -14.42 15.99
C VAL A 161 -11.31 -13.39 17.01
N LEU A 162 -12.12 -13.09 18.00
CA LEU A 162 -11.71 -12.13 19.01
C LEU A 162 -10.42 -12.55 19.72
N GLU A 163 -10.31 -13.84 20.02
CA GLU A 163 -9.12 -14.34 20.71
C GLU A 163 -7.83 -14.12 19.93
N ARG A 164 -7.89 -14.17 18.60
CA ARG A 164 -6.67 -13.93 17.83
C ARG A 164 -6.53 -12.48 17.36
N LEU A 165 -7.64 -11.74 17.41
CA LEU A 165 -7.63 -10.33 16.99
C LEU A 165 -7.31 -9.39 18.15
N LEU A 166 -7.84 -9.71 19.33
CA LEU A 166 -7.64 -8.87 20.51
C LEU A 166 -6.16 -8.58 20.81
N PRO A 167 -5.29 -9.59 20.75
CA PRO A 167 -3.86 -9.36 21.02
C PRO A 167 -3.25 -8.35 20.05
N TYR A 168 -3.67 -8.39 18.79
CA TYR A 168 -3.15 -7.47 17.79
C TYR A 168 -3.64 -6.05 18.10
N TRP A 169 -4.91 -5.92 18.47
CA TRP A 169 -5.46 -4.62 18.81
C TRP A 169 -4.72 -4.03 20.02
N ASN A 170 -4.67 -4.80 21.11
CA ASN A 170 -4.01 -4.35 22.33
C ASN A 170 -2.53 -4.01 22.17
N GLU A 171 -1.81 -4.85 21.42
CA GLU A 171 -0.38 -4.68 21.25
C GLU A 171 0.14 -3.79 20.13
N ARG A 172 -0.61 -3.65 19.05
CA ARG A 172 -0.12 -2.82 17.96
C ARG A 172 -1.00 -1.64 17.57
N ILE A 173 -2.30 -1.73 17.80
CA ILE A 173 -3.18 -0.63 17.45
C ILE A 173 -3.49 0.31 18.61
N ALA A 174 -3.95 -0.26 19.72
CA ALA A 174 -4.30 0.52 20.91
C ALA A 174 -3.21 1.48 21.37
N PRO A 175 -1.93 1.04 21.37
CA PRO A 175 -0.88 1.98 21.81
C PRO A 175 -0.88 3.24 20.95
N GLU A 176 -1.11 3.09 19.66
CA GLU A 176 -1.11 4.24 18.76
C GLU A 176 -2.30 5.15 19.07
N VAL A 177 -3.41 4.53 19.46
CA VAL A 177 -4.60 5.29 19.79
C VAL A 177 -4.28 6.15 21.02
N LEU A 178 -3.63 5.55 22.00
CA LEU A 178 -3.29 6.27 23.23
C LEU A 178 -2.23 7.34 23.02
N ARG A 179 -1.56 7.32 21.87
CA ARG A 179 -0.56 8.32 21.56
C ARG A 179 -1.22 9.46 20.77
N GLY A 180 -2.54 9.40 20.66
CA GLY A 180 -3.28 10.43 19.94
C GLY A 180 -3.23 10.34 18.42
N LYS A 181 -2.80 9.19 17.91
CA LYS A 181 -2.71 9.01 16.45
C LYS A 181 -4.06 8.73 15.81
N THR A 182 -4.25 9.25 14.61
CA THR A 182 -5.50 9.05 13.85
C THR A 182 -5.35 7.76 13.05
N ILE A 183 -6.13 6.76 13.44
CA ILE A 183 -6.06 5.45 12.82
C ILE A 183 -7.24 5.00 11.97
N LEU A 184 -6.92 4.28 10.90
CA LEU A 184 -7.92 3.71 10.00
C LEU A 184 -7.77 2.19 9.99
N ILE A 185 -8.86 1.48 10.22
CA ILE A 185 -8.81 0.03 10.20
C ILE A 185 -9.67 -0.47 9.03
N SER A 186 -9.02 -1.03 8.02
CA SER A 186 -9.73 -1.56 6.85
C SER A 186 -9.85 -3.04 7.11
N ALA A 187 -11.01 -3.47 7.59
CA ALA A 187 -11.20 -4.88 7.90
C ALA A 187 -12.38 -5.52 7.20
N HIS A 188 -13.02 -6.47 7.88
CA HIS A 188 -14.13 -7.21 7.29
C HIS A 188 -15.36 -7.22 8.19
N GLY A 189 -16.44 -7.81 7.68
CA GLY A 189 -17.68 -7.86 8.43
C GLY A 189 -17.60 -8.41 9.84
N ASN A 190 -17.10 -9.63 9.98
CA ASN A 190 -17.03 -10.26 11.30
C ASN A 190 -15.81 -9.91 12.15
N SER A 191 -14.66 -9.63 11.53
CA SER A 191 -13.51 -9.26 12.33
C SER A 191 -13.82 -7.89 12.96
N SER A 192 -14.59 -7.07 12.24
CA SER A 192 -15.00 -5.76 12.77
C SER A 192 -16.02 -5.95 13.89
N ARG A 193 -16.94 -6.91 13.71
CA ARG A 193 -17.95 -7.16 14.74
C ARG A 193 -17.25 -7.63 16.02
N ALA A 194 -16.20 -8.43 15.86
CA ALA A 194 -15.46 -8.93 17.00
C ALA A 194 -14.81 -7.79 17.78
N LEU A 195 -14.18 -6.86 17.05
CA LEU A 195 -13.54 -5.71 17.70
C LEU A 195 -14.57 -4.84 18.40
N LEU A 196 -15.69 -4.58 17.72
CA LEU A 196 -16.76 -3.76 18.30
C LEU A 196 -17.35 -4.41 19.55
N LYS A 197 -17.56 -5.72 19.52
CA LYS A 197 -18.10 -6.43 20.67
C LYS A 197 -17.22 -6.12 21.89
N HIS A 198 -15.91 -6.20 21.67
CA HIS A 198 -14.94 -5.94 22.73
C HIS A 198 -14.96 -4.49 23.21
N LEU A 199 -14.72 -3.57 22.29
CA LEU A 199 -14.67 -2.14 22.61
C LEU A 199 -15.94 -1.53 23.18
N GLU A 200 -17.11 -2.06 22.79
CA GLU A 200 -18.37 -1.53 23.29
C GLU A 200 -18.93 -2.37 24.43
N GLY A 201 -18.25 -3.48 24.75
CA GLY A 201 -18.71 -4.34 25.82
C GLY A 201 -20.05 -4.96 25.54
N ILE A 202 -20.28 -5.38 24.29
CA ILE A 202 -21.55 -6.00 23.91
C ILE A 202 -21.57 -7.44 24.44
N SER A 203 -22.69 -7.85 25.02
CA SER A 203 -22.82 -9.20 25.58
C SER A 203 -22.76 -10.30 24.51
N ASP A 204 -22.37 -11.49 24.94
CA ASP A 204 -22.28 -12.63 24.03
C ASP A 204 -23.61 -12.85 23.33
N GLU A 205 -24.69 -12.40 23.95
CA GLU A 205 -26.03 -12.57 23.40
C GLU A 205 -26.45 -11.43 22.48
N ASP A 206 -26.11 -10.19 22.82
CA ASP A 206 -26.48 -9.05 22.00
C ASP A 206 -25.73 -8.90 20.70
N ILE A 207 -24.49 -9.40 20.64
CA ILE A 207 -23.69 -9.27 19.43
C ILE A 207 -24.34 -9.96 18.22
N ILE A 208 -25.18 -10.96 18.48
CA ILE A 208 -25.83 -11.68 17.40
C ILE A 208 -26.74 -10.77 16.58
N ASN A 209 -27.19 -9.66 17.16
CA ASN A 209 -28.06 -8.75 16.43
C ASN A 209 -27.34 -7.60 15.73
N ILE A 210 -26.01 -7.61 15.76
CA ILE A 210 -25.24 -6.56 15.11
C ILE A 210 -24.77 -6.99 13.73
N THR A 211 -25.20 -6.25 12.71
CA THR A 211 -24.82 -6.52 11.33
C THR A 211 -24.22 -5.24 10.77
N LEU A 212 -23.08 -5.34 10.11
CA LEU A 212 -22.42 -4.17 9.57
C LEU A 212 -22.55 -4.05 8.06
N PRO A 213 -22.92 -2.86 7.56
CA PRO A 213 -23.07 -2.65 6.12
C PRO A 213 -21.71 -2.52 5.46
N THR A 214 -21.61 -2.92 4.20
CA THR A 214 -20.35 -2.85 3.47
C THR A 214 -20.06 -1.45 2.94
N GLY A 215 -18.77 -1.12 2.84
CA GLY A 215 -18.36 0.17 2.31
C GLY A 215 -18.87 1.41 3.03
N VAL A 216 -19.01 1.32 4.34
CA VAL A 216 -19.49 2.46 5.13
C VAL A 216 -18.55 2.77 6.29
N PRO A 217 -18.05 4.02 6.38
CA PRO A 217 -17.14 4.38 7.47
C PRO A 217 -17.84 4.21 8.81
N ILE A 218 -17.18 3.54 9.74
CA ILE A 218 -17.74 3.31 11.07
C ILE A 218 -16.98 4.20 12.04
N LEU A 219 -17.71 5.05 12.75
CA LEU A 219 -17.14 5.98 13.71
C LEU A 219 -17.20 5.42 15.12
N LEU A 220 -16.10 5.50 15.85
CA LEU A 220 -16.06 5.00 17.21
C LEU A 220 -15.18 5.91 18.05
N GLU A 221 -15.69 6.32 19.21
CA GLU A 221 -14.94 7.18 20.11
C GLU A 221 -14.63 6.35 21.36
N LEU A 222 -13.37 6.38 21.79
CA LEU A 222 -12.94 5.62 22.96
C LEU A 222 -12.52 6.54 24.09
N ASP A 223 -12.61 6.07 25.33
CA ASP A 223 -12.21 6.87 26.48
C ASP A 223 -10.79 6.53 26.92
N GLU A 224 -10.37 7.10 28.05
CA GLU A 224 -9.03 6.89 28.60
C GLU A 224 -8.69 5.43 28.83
N ASN A 225 -9.70 4.59 29.01
CA ASN A 225 -9.48 3.17 29.24
C ASN A 225 -9.72 2.37 27.97
N LEU A 226 -9.77 3.09 26.84
CA LEU A 226 -9.99 2.49 25.53
C LEU A 226 -11.27 1.68 25.43
N ARG A 227 -12.34 2.21 26.04
CA ARG A 227 -13.65 1.60 26.00
C ARG A 227 -14.53 2.62 25.29
N ALA A 228 -15.50 2.14 24.50
CA ALA A 228 -16.38 3.03 23.76
C ALA A 228 -17.13 4.02 24.65
N VAL A 229 -17.18 5.28 24.24
CA VAL A 229 -17.89 6.32 24.99
C VAL A 229 -19.37 6.19 24.66
N GLY A 230 -19.66 5.76 23.44
CA GLY A 230 -21.02 5.56 23.00
C GLY A 230 -21.02 4.48 21.94
N PRO A 231 -22.19 4.05 21.45
CA PRO A 231 -22.18 3.00 20.43
C PRO A 231 -21.59 3.48 19.10
N HIS A 232 -21.09 2.55 18.30
CA HIS A 232 -20.50 2.89 17.01
C HIS A 232 -21.55 3.59 16.14
N GLN A 233 -21.10 4.46 15.25
CA GLN A 233 -22.01 5.17 14.36
C GLN A 233 -21.60 4.95 12.90
N PHE A 234 -22.55 5.08 11.99
CA PHE A 234 -22.29 4.91 10.58
C PHE A 234 -22.34 6.25 9.86
N LEU A 235 -21.33 6.50 9.06
CA LEU A 235 -21.24 7.75 8.31
C LEU A 235 -21.92 7.67 6.95
N GLY A 236 -22.92 8.51 6.74
CA GLY A 236 -23.63 8.52 5.47
C GLY A 236 -25.14 8.62 5.60
N ASP A 237 -25.83 8.31 4.51
CA ASP A 237 -27.30 8.33 4.46
C ASP A 237 -27.83 7.19 5.32
N GLN A 238 -28.42 7.53 6.47
CA GLN A 238 -28.94 6.52 7.38
C GLN A 238 -29.97 5.53 6.81
N GLU A 239 -30.78 6.01 5.86
CA GLU A 239 -31.78 5.13 5.27
C GLU A 239 -31.11 4.12 4.37
N ALA A 240 -30.12 4.56 3.58
CA ALA A 240 -29.42 3.65 2.70
C ALA A 240 -28.62 2.66 3.54
N ILE A 241 -28.10 3.13 4.68
CA ILE A 241 -27.32 2.29 5.57
C ILE A 241 -28.18 1.21 6.26
N GLN A 242 -29.37 1.57 6.71
CA GLN A 242 -30.24 0.58 7.34
C GLN A 242 -30.75 -0.40 6.29
N ALA A 243 -30.97 0.10 5.08
CA ALA A 243 -31.44 -0.74 3.97
C ALA A 243 -30.34 -1.74 3.63
N ALA A 244 -29.10 -1.27 3.68
CA ALA A 244 -27.94 -2.12 3.38
C ALA A 244 -27.76 -3.20 4.45
N ILE A 245 -28.06 -2.83 5.70
CA ILE A 245 -27.95 -3.78 6.80
C ILE A 245 -29.02 -4.85 6.64
N LYS A 246 -30.21 -4.44 6.20
CA LYS A 246 -31.32 -5.37 6.00
C LYS A 246 -30.98 -6.36 4.89
N LYS A 247 -30.35 -5.84 3.83
CA LYS A 247 -29.96 -6.68 2.71
C LYS A 247 -29.04 -7.81 3.21
N VAL A 248 -28.06 -7.44 4.03
CA VAL A 248 -27.14 -8.42 4.59
C VAL A 248 -27.88 -9.44 5.46
N GLU A 249 -28.86 -8.96 6.24
CA GLU A 249 -29.62 -9.86 7.09
C GLU A 249 -30.48 -10.79 6.23
N ASP A 250 -31.05 -10.24 5.15
CA ASP A 250 -31.91 -11.02 4.28
C ASP A 250 -31.23 -12.12 3.45
N GLN A 251 -29.91 -12.05 3.34
CA GLN A 251 -29.18 -13.06 2.58
C GLN A 251 -29.30 -14.42 3.28
N GLY A 252 -29.62 -14.38 4.57
CA GLY A 252 -29.74 -15.61 5.32
C GLY A 252 -31.18 -16.05 5.51
N LYS A 253 -32.07 -15.51 4.69
CA LYS A 253 -33.49 -15.83 4.78
C LYS A 253 -34.05 -16.44 3.50
N VAL A 254 -35.12 -17.21 3.65
CA VAL A 254 -35.77 -17.86 2.51
C VAL A 254 -36.73 -16.85 1.87
N LYS A 255 -36.91 -16.97 0.55
CA LYS A 255 -37.77 -16.07 -0.21
C LYS A 255 -39.14 -15.82 0.40
N GLN A 256 -39.73 -14.68 0.05
CA GLN A 256 -41.05 -14.27 0.54
C GLN A 256 -41.33 -14.80 1.94
N SER B 2 25.61 -14.63 -7.21
CA SER B 2 25.92 -13.63 -6.15
C SER B 2 25.26 -14.06 -4.85
N LYS B 3 25.73 -13.50 -3.73
CA LYS B 3 25.17 -13.85 -2.44
C LYS B 3 23.76 -13.28 -2.26
N TYR B 4 23.58 -12.00 -2.61
CA TYR B 4 22.27 -11.38 -2.47
C TYR B 4 21.81 -10.77 -3.77
N LYS B 5 20.50 -10.66 -3.94
CA LYS B 5 19.91 -10.08 -5.14
C LYS B 5 18.91 -9.00 -4.70
N LEU B 6 18.87 -7.91 -5.44
CA LEU B 6 17.99 -6.80 -5.11
C LEU B 6 17.40 -6.21 -6.38
N ILE B 7 16.18 -5.70 -6.29
CA ILE B 7 15.52 -5.09 -7.43
C ILE B 7 15.19 -3.63 -7.16
N MET B 8 15.55 -2.75 -8.09
CA MET B 8 15.23 -1.33 -7.94
C MET B 8 14.73 -0.85 -9.30
N LEU B 9 13.99 0.25 -9.29
CA LEU B 9 13.45 0.78 -10.53
C LEU B 9 12.91 2.18 -10.36
N ARG B 10 12.72 2.86 -11.48
CA ARG B 10 12.14 4.19 -11.46
C ARG B 10 10.75 3.94 -12.04
N HIS B 11 9.78 4.70 -11.57
CA HIS B 11 8.39 4.57 -12.00
C HIS B 11 8.16 4.98 -13.46
N GLY B 12 6.96 4.69 -13.94
CA GLY B 12 6.59 5.03 -15.30
C GLY B 12 6.35 6.53 -15.41
N GLU B 13 5.91 6.98 -16.57
CA GLU B 13 5.69 8.40 -16.82
C GLU B 13 4.48 9.06 -16.15
N GLY B 14 4.53 10.39 -16.11
CA GLY B 14 3.46 11.19 -15.56
C GLY B 14 3.10 12.23 -16.61
N ALA B 15 2.24 13.18 -16.27
CA ALA B 15 1.83 14.22 -17.22
C ALA B 15 3.00 15.06 -17.74
N TRP B 16 3.93 15.41 -16.85
CA TRP B 16 5.07 16.23 -17.24
C TRP B 16 6.11 15.51 -18.09
N ASN B 17 5.84 14.26 -18.44
CA ASN B 17 6.76 13.51 -19.29
C ASN B 17 6.48 13.88 -20.73
N LYS B 18 5.19 14.02 -21.05
CA LYS B 18 4.78 14.40 -22.39
C LYS B 18 5.11 15.87 -22.57
N GLU B 19 4.95 16.64 -21.50
CA GLU B 19 5.24 18.07 -21.51
C GLU B 19 6.75 18.31 -21.42
N ASN B 20 7.48 17.26 -21.05
CA ASN B 20 8.94 17.31 -20.92
C ASN B 20 9.39 18.44 -19.98
N ARG B 21 8.87 18.40 -18.75
CA ARG B 21 9.22 19.39 -17.74
C ARG B 21 9.80 18.72 -16.50
N PHE B 22 10.75 19.39 -15.85
CA PHE B 22 11.37 18.84 -14.63
C PHE B 22 10.29 18.72 -13.55
N CYS B 23 10.02 17.50 -13.11
CA CYS B 23 8.99 17.27 -12.08
C CYS B 23 9.56 17.30 -10.67
N SER B 24 10.59 16.48 -10.43
CA SER B 24 11.25 16.45 -9.13
C SER B 24 10.31 16.24 -7.93
N TRP B 25 10.42 17.11 -6.92
CA TRP B 25 9.59 16.98 -5.72
C TRP B 25 8.12 17.30 -5.90
N VAL B 26 7.72 17.75 -7.08
CA VAL B 26 6.31 18.03 -7.32
C VAL B 26 5.63 16.67 -7.29
N ASP B 27 4.63 16.51 -6.44
CA ASP B 27 3.94 15.24 -6.27
C ASP B 27 3.00 14.86 -7.40
N GLN B 28 3.50 14.86 -8.63
CA GLN B 28 2.65 14.52 -9.76
C GLN B 28 2.28 13.03 -9.79
N LYS B 29 1.07 12.74 -10.22
CA LYS B 29 0.60 11.35 -10.31
C LYS B 29 1.01 10.71 -11.61
N LEU B 30 1.00 9.38 -11.62
CA LEU B 30 1.33 8.62 -12.82
C LEU B 30 0.17 8.84 -13.77
N ASN B 31 0.43 8.79 -15.07
CA ASN B 31 -0.66 8.92 -16.03
C ASN B 31 -1.01 7.51 -16.46
N SER B 32 -1.97 7.38 -17.35
CA SER B 32 -2.41 6.08 -17.85
C SER B 32 -1.25 5.18 -18.26
N GLU B 33 -0.33 5.72 -19.06
CA GLU B 33 0.82 4.97 -19.54
C GLU B 33 1.78 4.58 -18.42
N GLY B 34 1.99 5.49 -17.49
CA GLY B 34 2.89 5.21 -16.38
C GLY B 34 2.38 4.06 -15.52
N MET B 35 1.07 3.93 -15.42
CA MET B 35 0.47 2.86 -14.64
C MET B 35 0.68 1.53 -15.35
N GLU B 36 0.51 1.53 -16.67
CA GLU B 36 0.71 0.32 -17.45
C GLU B 36 2.16 -0.10 -17.36
N GLU B 37 3.06 0.88 -17.33
CA GLU B 37 4.47 0.58 -17.22
C GLU B 37 4.70 -0.19 -15.93
N ALA B 38 4.01 0.23 -14.87
CA ALA B 38 4.15 -0.43 -13.59
C ALA B 38 3.59 -1.84 -13.64
N ARG B 39 2.47 -2.02 -14.35
CA ARG B 39 1.87 -3.34 -14.46
C ARG B 39 2.81 -4.27 -15.24
N ASN B 40 3.47 -3.74 -16.26
CA ASN B 40 4.39 -4.55 -17.05
C ASN B 40 5.59 -4.97 -16.22
N CYS B 41 6.02 -4.10 -15.30
CA CYS B 41 7.14 -4.43 -14.43
C CYS B 41 6.73 -5.60 -13.53
N GLY B 42 5.53 -5.51 -12.96
CA GLY B 42 5.07 -6.58 -12.10
C GLY B 42 4.99 -7.91 -12.84
N LYS B 43 4.49 -7.87 -14.08
CA LYS B 43 4.37 -9.10 -14.86
C LYS B 43 5.75 -9.67 -15.16
N GLN B 44 6.72 -8.79 -15.44
CA GLN B 44 8.07 -9.25 -15.73
C GLN B 44 8.69 -9.87 -14.48
N LEU B 45 8.40 -9.29 -13.32
CA LEU B 45 8.95 -9.81 -12.07
C LEU B 45 8.28 -11.14 -11.71
N LYS B 46 7.00 -11.27 -12.03
CA LYS B 46 6.28 -12.51 -11.74
C LYS B 46 6.81 -13.63 -12.64
N ALA B 47 7.19 -13.26 -13.87
CA ALA B 47 7.71 -14.23 -14.82
C ALA B 47 9.06 -14.77 -14.35
N LEU B 48 9.71 -14.05 -13.45
CA LEU B 48 11.00 -14.44 -12.92
C LEU B 48 10.90 -14.94 -11.48
N ASN B 49 9.68 -15.23 -11.05
CA ASN B 49 9.39 -15.76 -9.72
C ASN B 49 9.80 -14.90 -8.53
N PHE B 50 9.91 -13.60 -8.71
CA PHE B 50 10.30 -12.76 -7.57
C PHE B 50 9.25 -12.75 -6.47
N GLU B 51 9.71 -13.01 -5.25
CA GLU B 51 8.86 -13.02 -4.06
C GLU B 51 9.50 -12.07 -3.07
N PHE B 52 8.99 -10.85 -3.04
CA PHE B 52 9.49 -9.81 -2.16
C PHE B 52 9.09 -9.98 -0.70
N ASP B 53 9.96 -9.55 0.19
CA ASP B 53 9.71 -9.63 1.62
C ASP B 53 9.49 -8.24 2.18
N LEU B 54 9.98 -7.22 1.47
CA LEU B 54 9.85 -5.83 1.89
C LEU B 54 9.99 -4.91 0.68
N VAL B 55 9.29 -3.79 0.71
CA VAL B 55 9.35 -2.82 -0.38
C VAL B 55 9.63 -1.43 0.16
N PHE B 56 10.56 -0.72 -0.49
CA PHE B 56 10.88 0.64 -0.07
C PHE B 56 10.52 1.60 -1.21
N THR B 57 9.92 2.72 -0.85
CA THR B 57 9.52 3.74 -1.81
C THR B 57 9.86 5.11 -1.24
N SER B 58 9.61 6.15 -2.02
CA SER B 58 9.84 7.52 -1.56
C SER B 58 8.49 7.97 -1.02
N VAL B 59 8.35 9.26 -0.71
CA VAL B 59 7.06 9.75 -0.21
C VAL B 59 6.28 10.44 -1.33
N LEU B 60 6.82 10.37 -2.55
CA LEU B 60 6.14 10.94 -3.72
C LEU B 60 5.19 9.83 -4.15
N ASN B 61 3.90 10.14 -4.28
CA ASN B 61 2.92 9.11 -4.60
C ASN B 61 3.15 8.28 -5.86
N ARG B 62 3.82 8.85 -6.87
CA ARG B 62 4.04 8.07 -8.08
C ARG B 62 4.89 6.82 -7.84
N SER B 63 5.81 6.87 -6.88
CA SER B 63 6.64 5.70 -6.58
C SER B 63 5.87 4.70 -5.73
N ILE B 64 4.94 5.21 -4.92
CA ILE B 64 4.13 4.37 -4.06
C ILE B 64 3.12 3.61 -4.92
N HIS B 65 2.43 4.33 -5.80
CA HIS B 65 1.45 3.69 -6.69
C HIS B 65 2.14 2.67 -7.58
N THR B 66 3.40 2.93 -7.92
CA THR B 66 4.16 2.01 -8.76
C THR B 66 4.37 0.71 -7.99
N ALA B 67 4.74 0.83 -6.72
CA ALA B 67 4.96 -0.34 -5.88
C ALA B 67 3.65 -1.11 -5.71
N TRP B 68 2.55 -0.38 -5.49
CA TRP B 68 1.24 -0.99 -5.31
C TRP B 68 0.80 -1.78 -6.54
N LEU B 69 0.99 -1.18 -7.71
CA LEU B 69 0.61 -1.85 -8.96
C LEU B 69 1.49 -3.07 -9.20
N ILE B 70 2.76 -2.98 -8.82
CA ILE B 70 3.69 -4.09 -8.97
C ILE B 70 3.25 -5.24 -8.04
N LEU B 71 2.95 -4.90 -6.79
CA LEU B 71 2.53 -5.91 -5.83
C LEU B 71 1.23 -6.58 -6.26
N GLU B 72 0.30 -5.81 -6.84
CA GLU B 72 -0.96 -6.38 -7.28
C GLU B 72 -0.70 -7.43 -8.37
N GLU B 73 0.09 -7.07 -9.37
CA GLU B 73 0.39 -8.01 -10.44
C GLU B 73 1.04 -9.28 -9.88
N LEU B 74 1.80 -9.12 -8.81
CA LEU B 74 2.48 -10.24 -8.17
C LEU B 74 1.60 -11.01 -7.19
N GLY B 75 0.44 -10.44 -6.85
CA GLY B 75 -0.43 -11.09 -5.89
C GLY B 75 0.26 -11.01 -4.54
N GLN B 76 1.05 -9.95 -4.34
CA GLN B 76 1.78 -9.74 -3.10
C GLN B 76 1.44 -8.43 -2.38
N GLU B 77 0.18 -8.02 -2.48
CA GLU B 77 -0.25 -6.77 -1.84
C GLU B 77 -0.02 -6.77 -0.32
N TRP B 78 0.15 -7.96 0.25
CA TRP B 78 0.37 -8.06 1.69
C TRP B 78 1.81 -7.78 2.14
N VAL B 79 2.74 -7.70 1.18
CA VAL B 79 4.13 -7.43 1.53
C VAL B 79 4.31 -6.04 2.11
N PRO B 80 4.99 -5.94 3.26
CA PRO B 80 5.22 -4.66 3.94
C PRO B 80 5.91 -3.61 3.06
N VAL B 81 5.36 -2.40 3.10
CA VAL B 81 5.91 -1.28 2.34
C VAL B 81 6.38 -0.22 3.33
N GLU B 82 7.52 0.40 3.04
CA GLU B 82 8.06 1.45 3.88
C GLU B 82 8.43 2.61 2.96
N SER B 83 8.10 3.83 3.37
CA SER B 83 8.37 5.00 2.55
C SER B 83 9.23 6.04 3.27
N SER B 84 10.09 6.73 2.51
CA SER B 84 10.96 7.75 3.09
C SER B 84 11.31 8.86 2.10
N TRP B 85 11.39 10.09 2.60
CA TRP B 85 11.73 11.21 1.74
C TRP B 85 13.17 11.02 1.25
N ARG B 86 13.93 10.18 1.94
CA ARG B 86 15.32 9.97 1.55
C ARG B 86 15.47 9.23 0.24
N LEU B 87 14.35 8.74 -0.28
CA LEU B 87 14.33 8.05 -1.56
C LEU B 87 13.72 8.96 -2.63
N ASN B 88 13.29 10.15 -2.22
CA ASN B 88 12.70 11.12 -3.15
C ASN B 88 13.66 11.42 -4.30
N GLU B 89 13.09 11.82 -5.45
CA GLU B 89 13.87 12.17 -6.62
C GLU B 89 14.73 13.38 -6.30
N ARG B 90 15.82 13.55 -7.05
CA ARG B 90 16.71 14.68 -6.83
C ARG B 90 15.90 15.96 -6.89
N HIS B 91 16.16 16.88 -5.96
CA HIS B 91 15.45 18.15 -5.92
C HIS B 91 16.01 19.09 -6.98
N TYR B 92 15.24 19.39 -8.02
CA TYR B 92 15.71 20.24 -9.09
C TYR B 92 15.66 21.74 -8.80
N GLY B 93 15.30 22.10 -7.57
CA GLY B 93 15.24 23.51 -7.20
C GLY B 93 14.44 24.39 -8.13
N ALA B 94 15.04 25.52 -8.53
CA ALA B 94 14.39 26.47 -9.41
C ALA B 94 14.03 25.92 -10.79
N LEU B 95 14.72 24.87 -11.22
CA LEU B 95 14.46 24.28 -12.53
C LEU B 95 13.13 23.53 -12.59
N ILE B 96 12.52 23.28 -11.44
CA ILE B 96 11.25 22.56 -11.40
C ILE B 96 10.17 23.26 -12.22
N GLY B 97 9.50 22.50 -13.09
CA GLY B 97 8.46 23.06 -13.92
C GLY B 97 8.93 23.55 -15.27
N LEU B 98 10.25 23.70 -15.43
CA LEU B 98 10.79 24.17 -16.70
C LEU B 98 10.85 23.08 -17.75
N ASN B 99 10.68 23.48 -19.00
CA ASN B 99 10.71 22.55 -20.13
C ASN B 99 12.16 22.27 -20.54
N ARG B 100 12.55 21.00 -20.48
CA ARG B 100 13.91 20.58 -20.83
C ARG B 100 14.39 20.98 -22.22
N GLU B 101 13.56 20.73 -23.23
CA GLU B 101 13.96 21.05 -24.60
C GLU B 101 14.09 22.56 -24.78
N GLN B 102 13.22 23.32 -24.12
CA GLN B 102 13.28 24.77 -24.21
C GLN B 102 14.61 25.25 -23.65
N MET B 103 15.00 24.71 -22.50
CA MET B 103 16.27 25.07 -21.88
C MET B 103 17.45 24.68 -22.77
N ALA B 104 17.31 23.56 -23.45
CA ALA B 104 18.38 23.08 -24.34
C ALA B 104 18.55 24.03 -25.52
N LEU B 105 17.42 24.57 -25.99
CA LEU B 105 17.43 25.50 -27.11
C LEU B 105 18.06 26.82 -26.69
N ASN B 106 17.74 27.26 -25.48
CA ASN B 106 18.25 28.52 -24.96
C ASN B 106 19.68 28.51 -24.42
N HIS B 107 20.06 27.43 -23.73
CA HIS B 107 21.40 27.35 -23.14
C HIS B 107 22.34 26.34 -23.77
N GLY B 108 21.82 25.52 -24.69
CA GLY B 108 22.65 24.51 -25.33
C GLY B 108 22.43 23.14 -24.73
N GLU B 109 22.40 22.11 -25.57
CA GLU B 109 22.18 20.75 -25.10
C GLU B 109 23.24 20.32 -24.09
N GLU B 110 24.49 20.73 -24.31
CA GLU B 110 25.57 20.37 -23.40
C GLU B 110 25.33 20.94 -22.00
N GLN B 111 24.79 22.15 -21.94
CA GLN B 111 24.52 22.79 -20.65
C GLN B 111 23.44 22.04 -19.90
N VAL B 112 22.38 21.67 -20.60
CA VAL B 112 21.27 20.93 -20.00
C VAL B 112 21.73 19.54 -19.55
N ARG B 113 22.56 18.90 -20.36
CA ARG B 113 23.07 17.58 -20.03
C ARG B 113 23.91 17.65 -18.76
N LEU B 114 24.67 18.74 -18.60
CA LEU B 114 25.50 18.91 -17.42
C LEU B 114 24.58 19.02 -16.20
N TRP B 115 23.55 19.85 -16.29
CA TRP B 115 22.63 20.03 -15.17
C TRP B 115 21.86 18.75 -14.82
N ARG B 116 21.53 17.96 -15.84
CA ARG B 116 20.78 16.73 -15.61
C ARG B 116 21.60 15.58 -15.05
N ARG B 117 22.82 15.40 -15.55
CA ARG B 117 23.61 14.25 -15.14
C ARG B 117 24.88 14.47 -14.32
N SER B 118 25.27 15.72 -14.13
CA SER B 118 26.47 15.99 -13.35
C SER B 118 26.32 15.42 -11.94
N TYR B 119 27.43 15.00 -11.36
CA TYR B 119 27.40 14.46 -10.01
C TYR B 119 27.51 15.62 -9.03
N ASN B 120 28.27 16.64 -9.40
CA ASN B 120 28.52 17.78 -8.53
C ASN B 120 27.73 19.07 -8.66
N VAL B 121 27.22 19.39 -9.85
CA VAL B 121 26.50 20.65 -10.00
C VAL B 121 25.15 20.70 -9.28
N THR B 122 25.00 21.70 -8.43
CA THR B 122 23.78 21.90 -7.66
C THR B 122 22.89 22.94 -8.34
N PRO B 123 21.66 22.55 -8.72
CA PRO B 123 20.80 23.54 -9.38
C PRO B 123 20.46 24.66 -8.41
N PRO B 124 19.99 25.81 -8.92
CA PRO B 124 19.65 26.94 -8.06
C PRO B 124 18.51 26.54 -7.12
N PRO B 125 18.61 26.90 -5.83
CA PRO B 125 17.56 26.56 -4.87
C PRO B 125 16.19 27.13 -5.24
N ILE B 126 15.14 26.39 -4.91
CA ILE B 126 13.79 26.84 -5.21
C ILE B 126 13.44 27.92 -4.19
N GLU B 127 12.84 29.01 -4.65
CA GLU B 127 12.47 30.10 -3.77
C GLU B 127 10.95 30.14 -3.56
N GLU B 128 10.54 30.78 -2.46
CA GLU B 128 9.12 30.89 -2.13
C GLU B 128 8.30 31.47 -3.28
N SER B 129 8.94 32.26 -4.13
CA SER B 129 8.24 32.87 -5.26
C SER B 129 8.03 31.90 -6.41
N HIS B 130 8.62 30.72 -6.30
CA HIS B 130 8.49 29.71 -7.35
C HIS B 130 7.06 29.17 -7.42
N PRO B 131 6.54 28.96 -8.64
CA PRO B 131 5.20 28.46 -8.92
C PRO B 131 4.79 27.17 -8.21
N TYR B 132 5.76 26.40 -7.73
CA TYR B 132 5.44 25.15 -7.05
C TYR B 132 6.07 25.00 -5.67
N TYR B 133 6.49 26.11 -5.07
CA TYR B 133 7.11 26.05 -3.76
C TYR B 133 6.12 25.60 -2.68
N GLN B 134 4.99 26.30 -2.60
CA GLN B 134 3.96 26.00 -1.61
C GLN B 134 3.41 24.58 -1.74
N GLU B 135 3.09 24.18 -2.96
CA GLU B 135 2.54 22.84 -3.21
C GLU B 135 3.48 21.75 -2.69
N ILE B 136 4.74 22.11 -2.46
CA ILE B 136 5.72 21.15 -1.99
C ILE B 136 5.95 21.18 -0.48
N TYR B 137 6.37 22.32 0.04
CA TYR B 137 6.68 22.44 1.46
C TYR B 137 5.52 22.57 2.45
N ASN B 138 4.29 22.66 1.95
CA ASN B 138 3.15 22.77 2.86
C ASN B 138 2.51 21.41 3.11
N ASP B 139 3.07 20.37 2.50
CA ASP B 139 2.50 19.03 2.66
C ASP B 139 2.89 18.36 3.96
N ARG B 140 1.90 17.80 4.64
CA ARG B 140 2.09 17.13 5.93
C ARG B 140 3.16 16.03 5.94
N ARG B 141 3.37 15.38 4.80
CA ARG B 141 4.36 14.31 4.73
C ARG B 141 5.77 14.82 5.08
N TYR B 142 6.01 16.11 4.86
CA TYR B 142 7.31 16.69 5.17
C TYR B 142 7.36 17.31 6.55
N LYS B 143 6.26 17.19 7.29
CA LYS B 143 6.19 17.72 8.64
C LYS B 143 6.50 16.58 9.59
N VAL B 144 6.53 15.37 9.05
CA VAL B 144 6.81 14.19 9.86
C VAL B 144 7.99 13.35 9.38
N CYS B 145 9.03 13.99 8.83
CA CYS B 145 10.20 13.24 8.38
C CYS B 145 11.25 13.30 9.49
N ASP B 146 12.37 12.59 9.30
CA ASP B 146 13.42 12.55 10.32
C ASP B 146 14.22 13.85 10.52
N VAL B 147 13.93 14.87 9.71
CA VAL B 147 14.61 16.14 9.85
C VAL B 147 13.56 17.24 9.76
N PRO B 148 13.81 18.39 10.40
CA PRO B 148 12.87 19.51 10.38
C PRO B 148 12.57 20.02 8.96
N LEU B 149 11.33 20.48 8.76
CA LEU B 149 10.89 21.00 7.48
C LEU B 149 11.88 22.00 6.89
N ASP B 150 12.40 22.90 7.72
CA ASP B 150 13.35 23.91 7.26
C ASP B 150 14.71 23.29 6.97
N GLN B 151 14.87 22.01 7.28
CA GLN B 151 16.12 21.30 7.05
C GLN B 151 16.12 20.59 5.71
N LEU B 152 14.93 20.39 5.14
CA LEU B 152 14.81 19.72 3.85
C LEU B 152 15.50 20.55 2.77
N PRO B 153 16.10 19.89 1.77
CA PRO B 153 16.78 20.62 0.70
C PRO B 153 15.85 21.44 -0.17
N ARG B 154 16.41 22.47 -0.81
CA ARG B 154 15.67 23.34 -1.71
C ARG B 154 16.23 23.14 -3.12
N SER B 155 17.24 22.27 -3.21
CA SER B 155 17.87 21.91 -4.47
C SER B 155 19.00 20.94 -4.11
N GLU B 156 19.31 20.01 -5.02
CA GLU B 156 20.35 19.03 -4.76
C GLU B 156 21.13 18.59 -5.98
N SER B 157 22.42 18.40 -5.81
CA SER B 157 23.28 17.88 -6.87
C SER B 157 23.11 16.38 -6.67
N LEU B 158 23.60 15.56 -7.57
CA LEU B 158 23.46 14.12 -7.38
C LEU B 158 24.22 13.73 -6.12
N LYS B 159 25.32 14.43 -5.85
CA LYS B 159 26.13 14.17 -4.67
C LYS B 159 25.30 14.44 -3.41
N ASP B 160 24.53 15.52 -3.42
CA ASP B 160 23.68 15.84 -2.26
C ASP B 160 22.66 14.74 -2.05
N VAL B 161 22.16 14.18 -3.15
CA VAL B 161 21.18 13.11 -3.07
C VAL B 161 21.75 11.88 -2.38
N LEU B 162 22.94 11.47 -2.81
CA LEU B 162 23.58 10.30 -2.21
C LEU B 162 23.80 10.51 -0.72
N GLU B 163 24.20 11.73 -0.36
CA GLU B 163 24.46 12.04 1.04
C GLU B 163 23.26 11.91 1.95
N ARG B 164 22.05 12.15 1.45
CA ARG B 164 20.87 11.99 2.29
C ARG B 164 20.16 10.65 2.09
N LEU B 165 20.56 9.94 1.02
CA LEU B 165 19.99 8.63 0.72
C LEU B 165 20.82 7.53 1.39
N LEU B 166 22.14 7.71 1.39
CA LEU B 166 23.04 6.73 1.97
C LEU B 166 22.68 6.34 3.41
N PRO B 167 22.33 7.32 4.26
CA PRO B 167 21.97 7.01 5.65
C PRO B 167 20.80 6.02 5.74
N TYR B 168 19.82 6.21 4.87
CA TYR B 168 18.64 5.33 4.84
C TYR B 168 19.05 3.93 4.37
N TRP B 169 19.88 3.85 3.34
CA TRP B 169 20.34 2.56 2.83
C TRP B 169 21.11 1.81 3.93
N ASN B 170 22.04 2.50 4.57
CA ASN B 170 22.85 1.91 5.63
C ASN B 170 22.02 1.47 6.83
N GLU B 171 21.11 2.34 7.26
CA GLU B 171 20.27 2.07 8.42
C GLU B 171 19.07 1.13 8.25
N ARG B 172 18.29 1.33 7.19
CA ARG B 172 17.08 0.53 6.97
C ARG B 172 17.14 -0.57 5.93
N ILE B 173 17.63 -0.26 4.74
CA ILE B 173 17.66 -1.22 3.66
C ILE B 173 18.75 -2.28 3.73
N ALA B 174 20.01 -1.84 3.83
CA ALA B 174 21.13 -2.76 3.88
C ALA B 174 20.97 -3.91 4.88
N PRO B 175 20.54 -3.61 6.12
CA PRO B 175 20.37 -4.69 7.11
C PRO B 175 19.39 -5.77 6.67
N GLU B 176 18.30 -5.36 6.02
CA GLU B 176 17.30 -6.32 5.56
C GLU B 176 17.89 -7.19 4.46
N VAL B 177 18.70 -6.61 3.60
CA VAL B 177 19.33 -7.36 2.52
C VAL B 177 20.26 -8.42 3.10
N LEU B 178 21.04 -8.03 4.11
CA LEU B 178 21.97 -8.95 4.76
C LEU B 178 21.24 -10.09 5.44
N ARG B 179 20.01 -9.84 5.88
CA ARG B 179 19.20 -10.87 6.54
C ARG B 179 18.65 -11.88 5.54
N GLY B 180 18.94 -11.66 4.26
CA GLY B 180 18.49 -12.57 3.22
C GLY B 180 17.17 -12.22 2.56
N LYS B 181 16.53 -11.13 3.00
CA LYS B 181 15.25 -10.73 2.44
C LYS B 181 15.36 -10.24 1.00
N THR B 182 14.32 -10.49 0.21
CA THR B 182 14.27 -10.05 -1.18
C THR B 182 13.59 -8.68 -1.17
N ILE B 183 14.36 -7.65 -1.52
CA ILE B 183 13.90 -6.27 -1.51
C ILE B 183 13.59 -5.65 -2.87
N LEU B 184 12.56 -4.80 -2.88
CA LEU B 184 12.17 -4.05 -4.07
C LEU B 184 12.25 -2.59 -3.69
N ILE B 185 13.00 -1.81 -4.46
CA ILE B 185 13.12 -0.38 -4.18
C ILE B 185 12.44 0.35 -5.33
N SER B 186 11.33 1.01 -5.02
CA SER B 186 10.58 1.76 -6.03
C SER B 186 10.98 3.22 -5.83
N ALA B 187 11.89 3.69 -6.67
CA ALA B 187 12.37 5.06 -6.55
C ALA B 187 12.24 5.89 -7.82
N HIS B 188 13.21 6.75 -8.07
CA HIS B 188 13.16 7.64 -9.21
C HIS B 188 14.42 7.61 -10.07
N GLY B 189 14.41 8.40 -11.13
CA GLY B 189 15.54 8.44 -12.05
C GLY B 189 16.90 8.77 -11.45
N ASN B 190 16.99 9.86 -10.72
CA ASN B 190 18.27 10.25 -10.13
C ASN B 190 18.58 9.68 -8.75
N SER B 191 17.57 9.43 -7.94
CA SER B 191 17.85 8.85 -6.63
C SER B 191 18.32 7.42 -6.86
N SER B 192 17.86 6.81 -7.96
CA SER B 192 18.28 5.46 -8.30
C SER B 192 19.72 5.50 -8.81
N ARG B 193 20.04 6.50 -9.63
CA ARG B 193 21.40 6.63 -10.15
C ARG B 193 22.35 6.81 -8.97
N ALA B 194 21.89 7.56 -7.98
CA ALA B 194 22.69 7.80 -6.79
C ALA B 194 23.02 6.51 -6.05
N LEU B 195 22.02 5.65 -5.86
CA LEU B 195 22.26 4.39 -5.16
C LEU B 195 23.15 3.47 -6.00
N LEU B 196 22.93 3.44 -7.31
CA LEU B 196 23.74 2.60 -8.18
C LEU B 196 25.21 3.02 -8.11
N LYS B 197 25.46 4.32 -8.11
CA LYS B 197 26.82 4.84 -8.04
C LYS B 197 27.50 4.27 -6.80
N HIS B 198 26.78 4.30 -5.69
CA HIS B 198 27.29 3.79 -4.43
C HIS B 198 27.54 2.28 -4.48
N LEU B 199 26.49 1.52 -4.78
CA LEU B 199 26.59 0.08 -4.83
C LEU B 199 27.56 -0.48 -5.87
N GLU B 200 27.67 0.18 -7.01
CA GLU B 200 28.57 -0.28 -8.06
C GLU B 200 29.93 0.41 -8.03
N GLY B 201 30.11 1.34 -7.09
CA GLY B 201 31.37 2.05 -7.00
C GLY B 201 31.69 2.78 -8.29
N ILE B 202 30.69 3.42 -8.88
CA ILE B 202 30.89 4.16 -10.13
C ILE B 202 31.57 5.49 -9.83
N SER B 203 32.55 5.84 -10.65
CA SER B 203 33.28 7.09 -10.44
C SER B 203 32.42 8.32 -10.67
N ASP B 204 32.85 9.44 -10.10
CA ASP B 204 32.15 10.72 -10.25
C ASP B 204 31.98 11.09 -11.71
N GLU B 205 32.94 10.69 -12.54
CA GLU B 205 32.90 11.00 -13.96
C GLU B 205 32.03 10.02 -14.74
N ASP B 206 32.11 8.74 -14.39
CA ASP B 206 31.32 7.74 -15.10
C ASP B 206 29.83 7.79 -14.83
N ILE B 207 29.42 8.25 -13.64
CA ILE B 207 28.00 8.30 -13.32
C ILE B 207 27.21 9.21 -14.26
N ILE B 208 27.90 10.19 -14.84
CA ILE B 208 27.28 11.13 -15.77
C ILE B 208 26.65 10.42 -16.97
N ASN B 209 27.26 9.32 -17.39
CA ASN B 209 26.79 8.57 -18.54
C ASN B 209 25.69 7.55 -18.25
N ILE B 210 25.25 7.49 -17.01
CA ILE B 210 24.20 6.54 -16.65
C ILE B 210 22.83 7.22 -16.65
N THR B 211 21.97 6.77 -17.56
CA THR B 211 20.60 7.27 -17.69
C THR B 211 19.72 6.03 -17.55
N LEU B 212 18.71 6.10 -16.69
CA LEU B 212 17.83 4.95 -16.48
C LEU B 212 16.48 5.07 -17.18
N PRO B 213 16.02 3.97 -17.81
CA PRO B 213 14.72 3.97 -18.51
C PRO B 213 13.58 3.87 -17.50
N THR B 214 12.41 4.40 -17.85
CA THR B 214 11.28 4.36 -16.94
C THR B 214 10.60 2.99 -16.95
N GLY B 215 10.06 2.61 -15.79
CA GLY B 215 9.36 1.33 -15.66
C GLY B 215 10.09 0.08 -16.12
N VAL B 216 11.36 -0.06 -15.77
CA VAL B 216 12.13 -1.24 -16.14
C VAL B 216 12.82 -1.75 -14.88
N PRO B 217 12.56 -3.02 -14.49
CA PRO B 217 13.21 -3.55 -13.30
C PRO B 217 14.72 -3.69 -13.46
N ILE B 218 15.46 -3.23 -12.46
CA ILE B 218 16.91 -3.30 -12.46
C ILE B 218 17.38 -4.32 -11.44
N LEU B 219 18.06 -5.37 -11.90
CA LEU B 219 18.56 -6.41 -11.01
C LEU B 219 20.00 -6.09 -10.60
N LEU B 220 20.23 -6.07 -9.30
CA LEU B 220 21.56 -5.80 -8.78
C LEU B 220 21.98 -6.99 -7.92
N GLU B 221 23.12 -7.59 -8.25
CA GLU B 221 23.61 -8.74 -7.49
C GLU B 221 24.76 -8.28 -6.60
N LEU B 222 24.61 -8.48 -5.29
CA LEU B 222 25.61 -8.05 -4.33
C LEU B 222 26.37 -9.16 -3.62
N ASP B 223 27.55 -8.84 -3.11
CA ASP B 223 28.34 -9.82 -2.38
C ASP B 223 28.15 -9.63 -0.87
N GLU B 224 28.90 -10.39 -0.09
CA GLU B 224 28.81 -10.33 1.36
C GLU B 224 29.01 -8.93 1.92
N ASN B 225 29.66 -8.07 1.15
CA ASN B 225 29.92 -6.69 1.58
C ASN B 225 28.93 -5.72 0.95
N LEU B 226 27.91 -6.27 0.29
CA LEU B 226 26.89 -5.48 -0.38
C LEU B 226 27.44 -4.62 -1.51
N ARG B 227 28.51 -5.11 -2.15
CA ARG B 227 29.10 -4.41 -3.28
C ARG B 227 28.60 -5.19 -4.49
N ALA B 228 28.32 -4.48 -5.58
CA ALA B 228 27.83 -5.12 -6.79
C ALA B 228 28.88 -6.08 -7.34
N VAL B 229 28.43 -7.25 -7.78
CA VAL B 229 29.32 -8.26 -8.33
C VAL B 229 29.28 -8.18 -9.86
N GLY B 230 28.91 -7.01 -10.36
CA GLY B 230 28.82 -6.80 -11.80
C GLY B 230 27.91 -5.62 -12.09
N PRO B 231 27.93 -5.07 -13.32
CA PRO B 231 27.05 -3.93 -13.59
C PRO B 231 25.57 -4.30 -13.44
N HIS B 232 24.73 -3.30 -13.16
CA HIS B 232 23.31 -3.54 -13.01
C HIS B 232 22.78 -4.22 -14.27
N GLN B 233 21.69 -4.98 -14.12
CA GLN B 233 21.08 -5.68 -15.24
C GLN B 233 19.63 -5.28 -15.43
N PHE B 234 19.31 -4.67 -16.57
CA PHE B 234 17.94 -4.29 -16.87
C PHE B 234 17.22 -5.56 -17.29
N LEU B 235 16.11 -5.87 -16.62
CA LEU B 235 15.35 -7.07 -16.94
C LEU B 235 14.33 -6.83 -18.05
N GLY B 236 14.59 -7.42 -19.21
CA GLY B 236 13.70 -7.27 -20.35
C GLY B 236 14.48 -7.27 -21.65
N ASP B 237 13.80 -6.96 -22.76
CA ASP B 237 14.44 -6.91 -24.06
C ASP B 237 15.39 -5.73 -24.12
N GLN B 238 16.69 -6.01 -24.27
CA GLN B 238 17.70 -4.96 -24.30
C GLN B 238 17.52 -3.90 -25.38
N GLU B 239 16.96 -4.28 -26.53
CA GLU B 239 16.76 -3.32 -27.61
C GLU B 239 15.68 -2.30 -27.24
N ALA B 240 14.59 -2.77 -26.65
CA ALA B 240 13.51 -1.89 -26.24
C ALA B 240 13.98 -1.03 -25.07
N ILE B 241 14.81 -1.61 -24.21
CA ILE B 241 15.33 -0.89 -23.05
C ILE B 241 16.30 0.20 -23.50
N GLN B 242 17.15 -0.11 -24.46
CA GLN B 242 18.11 0.88 -24.96
C GLN B 242 17.38 2.04 -25.64
N ALA B 243 16.25 1.75 -26.29
CA ALA B 243 15.48 2.81 -26.94
C ALA B 243 14.81 3.66 -25.87
N ALA B 244 14.45 3.02 -24.75
CA ALA B 244 13.82 3.73 -23.65
C ALA B 244 14.83 4.67 -23.01
N ILE B 245 16.09 4.24 -22.98
CA ILE B 245 17.15 5.07 -22.42
C ILE B 245 17.36 6.27 -23.34
N LYS B 246 17.39 6.01 -24.64
CA LYS B 246 17.59 7.08 -25.62
C LYS B 246 16.47 8.10 -25.52
N LYS B 247 15.25 7.62 -25.25
CA LYS B 247 14.10 8.50 -25.11
C LYS B 247 14.35 9.53 -24.01
N VAL B 248 14.84 9.08 -22.87
CA VAL B 248 15.13 9.96 -21.74
C VAL B 248 16.23 10.96 -22.10
N GLU B 249 17.24 10.48 -22.82
CA GLU B 249 18.34 11.34 -23.23
C GLU B 249 17.83 12.40 -24.19
N ASP B 250 17.08 11.96 -25.20
CA ASP B 250 16.53 12.87 -26.21
C ASP B 250 15.66 13.98 -25.66
N GLN B 251 15.20 13.85 -24.42
CA GLN B 251 14.37 14.90 -23.84
C GLN B 251 15.19 16.18 -23.70
N GLY B 252 16.50 16.04 -23.72
CA GLY B 252 17.37 17.19 -23.58
C GLY B 252 17.95 17.67 -24.90
N LYS B 253 17.46 17.14 -26.01
CA LYS B 253 17.96 17.51 -27.32
C LYS B 253 16.92 18.34 -28.09
N VAL B 254 17.40 19.31 -28.86
CA VAL B 254 16.52 20.18 -29.63
C VAL B 254 15.90 19.45 -30.82
C1 3PG C . -17.81 -13.28 4.23
O1 3PG C . -17.15 -14.09 5.11
O2 3PG C . -17.82 -13.72 2.98
C2 3PG C . -18.46 -12.04 4.70
O3 3PG C . -17.44 -11.05 4.90
C3 3PG C . -19.22 -12.29 6.00
O1P 3PG C . -20.32 -13.12 5.79
P 3PG C . -21.60 -13.06 6.80
O2P 3PG C . -21.11 -13.52 8.33
O3P 3PG C . -22.23 -11.52 6.85
O4P 3PG C . -22.78 -14.17 6.29
C1 HAI D . -23.47 0.85 0.52
C2 HAI D . -24.32 0.91 1.81
C3 HAI D . -25.10 2.27 1.88
C4 HAI D . -24.12 3.47 1.81
C5 HAI D . -23.20 3.39 0.55
C6 HAI D . -22.45 2.02 0.49
N HAI D . -22.74 -0.43 0.48
C1 3PG E . 12.48 14.49 -12.77
O1 3PG E . 11.47 15.20 -13.35
O2 3PG E . 13.01 15.08 -11.70
C2 3PG E . 12.90 13.23 -13.37
O3 3PG E . 12.62 12.18 -12.42
C3 3PG E . 14.37 13.28 -13.70
O1P 3PG E . 14.65 14.23 -14.66
P 3PG E . 16.04 14.15 -15.51
O2P 3PG E . 17.33 14.33 -14.45
O3P 3PG E . 16.15 12.68 -16.30
O4P 3PG E . 16.10 15.42 -16.61
#